data_3NO2
#
_entry.id   3NO2
#
_cell.length_a   46.173
_cell.length_b   63.798
_cell.length_c   105.600
_cell.angle_alpha   90.000
_cell.angle_beta   90.000
_cell.angle_gamma   90.000
#
_symmetry.space_group_name_H-M   'P 21 21 21'
#
loop_
_entity.id
_entity.type
_entity.pdbx_description
1 polymer 'uncharacterized protein'
2 non-polymer 'CHLORIDE ION'
3 non-polymer 'CITRIC ACID'
4 non-polymer DI(HYDROXYETHYL)ETHER
5 water water
#
_entity_poly.entity_id   1
_entity_poly.type   'polypeptide(L)'
_entity_poly.pdbx_seq_one_letter_code
;GSSPQHLLVGGSGWNKIAIINKDTKEIVWEYPLEKGWECNSVAATKAGEILFSYSKGAK(MSE)ITRDGRELWNIAAPAG
CE(MSE)QTARILPDGNALVAWCGHPSTILEVN(MSE)KGEVLSKTEFETGIERPHAQFRQINKNKKGNYLVPLFATSEV
REIAPNGQLLNSVKLSGTPFSSAFLDNGDCLVACGDAHCFVQLNLESNRIVRRVNANDIEGVQLFFVAQLFPLQNGGLYI
CNWQGHDREAGKGKHPQLVEIDSEGKVVWQLNDKVKFG(MSE)ISTICPIRE
;
_entity_poly.pdbx_strand_id   A
#
loop_
_chem_comp.id
_chem_comp.type
_chem_comp.name
_chem_comp.formula
CIT non-polymer 'CITRIC ACID' 'C6 H8 O7'
CL non-polymer 'CHLORIDE ION' 'Cl -1'
PEG non-polymer DI(HYDROXYETHYL)ETHER 'C4 H10 O3'
#
# COMPACT_ATOMS: atom_id res chain seq x y z
N SER A 3 11.33 -10.96 -20.81
CA SER A 3 9.97 -11.55 -20.76
C SER A 3 8.94 -10.47 -20.38
N PRO A 4 7.65 -10.73 -20.66
CA PRO A 4 6.60 -9.78 -20.24
C PRO A 4 6.68 -9.50 -18.74
N GLN A 5 6.44 -8.26 -18.40
CA GLN A 5 6.30 -7.85 -17.03
C GLN A 5 5.10 -8.58 -16.42
N HIS A 6 5.25 -9.04 -15.18
CA HIS A 6 4.16 -9.58 -14.40
C HIS A 6 3.93 -8.69 -13.17
N LEU A 7 2.68 -8.65 -12.75
CA LEU A 7 2.22 -7.77 -11.67
C LEU A 7 1.44 -8.56 -10.66
N LEU A 8 1.91 -8.56 -9.45
CA LEU A 8 1.22 -9.15 -8.28
C LEU A 8 0.23 -8.10 -7.77
N VAL A 9 -1.01 -8.46 -7.59
CA VAL A 9 -2.07 -7.51 -7.19
C VAL A 9 -2.98 -8.13 -6.14
N GLY A 10 -3.65 -7.26 -5.39
CA GLY A 10 -4.65 -7.65 -4.46
C GLY A 10 -5.50 -6.44 -4.12
N GLY A 11 -6.54 -6.61 -3.34
CA GLY A 11 -7.34 -5.48 -2.90
C GLY A 11 -8.43 -5.80 -1.96
N SER A 12 -8.84 -4.81 -1.18
CA SER A 12 -9.94 -4.96 -0.27
C SER A 12 -11.18 -5.31 -1.09
N GLY A 13 -11.98 -6.26 -0.60
CA GLY A 13 -13.20 -6.64 -1.31
C GLY A 13 -12.96 -7.58 -2.49
N TRP A 14 -11.74 -8.04 -2.71
CA TRP A 14 -11.40 -9.07 -3.68
C TRP A 14 -10.83 -10.23 -2.91
N ASN A 15 -11.47 -11.38 -3.02
CA ASN A 15 -11.10 -12.57 -2.24
C ASN A 15 -10.01 -13.45 -2.81
N LYS A 16 -9.17 -12.88 -3.68
N LYS A 16 -9.16 -12.89 -3.67
CA LYS A 16 -7.99 -13.53 -4.28
CA LYS A 16 -7.93 -13.57 -4.07
C LYS A 16 -6.86 -12.54 -4.29
C LYS A 16 -6.86 -12.55 -4.24
N ILE A 17 -5.62 -13.03 -4.24
CA ILE A 17 -4.50 -12.27 -4.79
C ILE A 17 -4.13 -12.94 -6.12
N ALA A 18 -3.53 -12.19 -7.03
CA ALA A 18 -3.34 -12.67 -8.39
C ALA A 18 -2.06 -12.14 -8.96
N ILE A 19 -1.55 -12.83 -9.98
CA ILE A 19 -0.46 -12.34 -10.80
C ILE A 19 -0.97 -12.21 -12.22
N ILE A 20 -0.76 -11.02 -12.79
CA ILE A 20 -1.24 -10.65 -14.12
C ILE A 20 -0.02 -10.47 -15.03
N ASN A 21 -0.12 -11.04 -16.23
CA ASN A 21 0.82 -10.73 -17.31
C ASN A 21 0.44 -9.37 -17.86
N LYS A 22 1.29 -8.39 -17.65
CA LYS A 22 0.95 -7.00 -18.00
C LYS A 22 0.58 -6.85 -19.50
N ASP A 23 1.33 -7.51 -20.35
CA ASP A 23 1.17 -7.38 -21.78
C ASP A 23 -0.14 -7.97 -22.27
N THR A 24 -0.47 -9.17 -21.83
CA THR A 24 -1.70 -9.82 -22.22
C THR A 24 -2.93 -9.41 -21.40
N LYS A 25 -2.67 -8.81 -20.22
CA LYS A 25 -3.71 -8.47 -19.26
C LYS A 25 -4.43 -9.70 -18.71
N GLU A 26 -3.78 -10.86 -18.75
N GLU A 26 -3.79 -10.86 -18.73
CA GLU A 26 -4.38 -12.11 -18.26
CA GLU A 26 -4.40 -12.08 -18.26
C GLU A 26 -3.94 -12.40 -16.84
C GLU A 26 -3.93 -12.43 -16.86
N ILE A 27 -4.86 -12.88 -16.03
CA ILE A 27 -4.52 -13.47 -14.72
C ILE A 27 -3.88 -14.85 -14.99
N VAL A 28 -2.62 -15.03 -14.60
CA VAL A 28 -1.92 -16.28 -14.84
C VAL A 28 -1.79 -17.14 -13.58
N TRP A 29 -2.15 -16.61 -12.42
CA TRP A 29 -2.02 -17.31 -11.14
C TRP A 29 -2.89 -16.59 -10.13
N GLU A 30 -3.58 -17.36 -9.29
N GLU A 30 -3.39 -17.33 -9.16
CA GLU A 30 -4.35 -16.83 -8.15
CA GLU A 30 -4.18 -16.73 -8.12
C GLU A 30 -4.01 -17.61 -6.88
C GLU A 30 -4.21 -17.62 -6.90
N TYR A 31 -4.34 -16.98 -5.76
CA TYR A 31 -4.26 -17.62 -4.44
C TYR A 31 -5.42 -17.11 -3.61
N PRO A 32 -6.15 -18.00 -2.92
CA PRO A 32 -7.39 -17.60 -2.28
C PRO A 32 -7.19 -16.90 -0.92
N LEU A 33 -8.09 -15.97 -0.63
CA LEU A 33 -8.18 -15.38 0.69
C LEU A 33 -9.40 -15.99 1.39
N GLU A 34 -9.35 -16.05 2.71
CA GLU A 34 -10.41 -16.69 3.52
C GLU A 34 -11.45 -15.70 4.00
N LYS A 35 -12.53 -16.24 4.53
CA LYS A 35 -13.60 -15.45 5.10
C LYS A 35 -13.10 -14.55 6.18
N GLY A 36 -13.41 -13.26 6.04
CA GLY A 36 -12.96 -12.26 7.00
C GLY A 36 -11.61 -11.64 6.69
N TRP A 37 -10.91 -12.15 5.69
CA TRP A 37 -9.62 -11.61 5.30
C TRP A 37 -9.80 -10.36 4.43
N GLU A 38 -8.89 -9.41 4.55
CA GLU A 38 -8.89 -8.21 3.75
C GLU A 38 -7.45 -7.93 3.39
N CYS A 39 -7.13 -7.91 2.09
CA CYS A 39 -5.77 -7.69 1.61
C CYS A 39 -5.61 -6.32 0.99
N ASN A 40 -4.86 -5.47 1.70
CA ASN A 40 -4.44 -4.14 1.20
C ASN A 40 -2.96 -3.99 0.93
N SER A 41 -2.20 -5.07 1.09
CA SER A 41 -0.77 -5.08 0.81
C SER A 41 -0.32 -6.45 0.26
N VAL A 42 0.28 -6.40 -0.94
CA VAL A 42 1.03 -7.50 -1.52
C VAL A 42 2.43 -7.03 -1.87
N ALA A 43 3.40 -7.94 -1.87
CA ALA A 43 4.78 -7.60 -2.21
C ALA A 43 5.48 -8.88 -2.66
N ALA A 44 6.49 -8.72 -3.52
CA ALA A 44 7.31 -9.82 -4.03
C ALA A 44 8.73 -9.62 -3.65
N THR A 45 9.38 -10.73 -3.36
CA THR A 45 10.85 -10.71 -3.19
C THR A 45 11.51 -10.83 -4.55
N LYS A 46 12.79 -10.50 -4.61
CA LYS A 46 13.56 -10.63 -5.87
C LYS A 46 13.54 -12.06 -6.35
N ALA A 47 13.54 -13.00 -5.41
CA ALA A 47 13.50 -14.42 -5.72
C ALA A 47 12.13 -14.92 -6.16
N GLY A 48 11.09 -14.08 -6.06
CA GLY A 48 9.77 -14.43 -6.56
C GLY A 48 8.79 -14.96 -5.51
N GLU A 49 9.18 -14.91 -4.24
CA GLU A 49 8.26 -15.27 -3.15
C GLU A 49 7.28 -14.13 -2.94
N ILE A 50 6.15 -14.45 -2.33
CA ILE A 50 4.99 -13.56 -2.26
C ILE A 50 4.65 -13.31 -0.79
N LEU A 51 4.61 -12.02 -0.39
CA LEU A 51 4.24 -11.59 0.94
C LEU A 51 2.89 -10.87 0.84
N PHE A 52 1.97 -11.14 1.75
CA PHE A 52 0.73 -10.35 1.77
C PHE A 52 0.21 -10.23 3.16
N SER A 53 -0.51 -9.14 3.40
CA SER A 53 -1.30 -8.97 4.62
C SER A 53 -2.74 -9.31 4.31
N TYR A 54 -3.44 -9.76 5.35
N TYR A 54 -3.44 -9.76 5.34
CA TYR A 54 -4.80 -10.20 5.20
CA TYR A 54 -4.82 -10.24 5.19
C TYR A 54 -5.72 -9.85 6.38
C TYR A 54 -5.74 -9.83 6.36
N SER A 55 -5.30 -8.83 7.15
CA SER A 55 -6.04 -8.28 8.30
C SER A 55 -5.89 -9.15 9.52
N LYS A 56 -6.19 -10.44 9.40
CA LYS A 56 -5.96 -11.37 10.51
C LYS A 56 -4.50 -11.76 10.66
N GLY A 57 -3.63 -11.32 9.76
CA GLY A 57 -2.20 -11.67 9.83
C GLY A 57 -1.50 -11.27 8.57
N ALA A 58 -0.24 -11.68 8.43
CA ALA A 58 0.54 -11.54 7.20
C ALA A 58 1.31 -12.82 7.01
N LYS A 59 1.51 -13.20 5.78
CA LYS A 59 2.25 -14.44 5.52
C LYS A 59 3.06 -14.33 4.26
N MSE A 60 4.09 -15.17 4.16
N MSE A 60 4.09 -15.19 4.19
N MSE A 60 4.06 -15.21 4.16
CA MSE A 60 4.92 -15.33 2.95
CA MSE A 60 4.91 -15.39 3.00
CA MSE A 60 4.86 -15.37 2.95
C MSE A 60 4.70 -16.74 2.41
C MSE A 60 4.58 -16.76 2.42
C MSE A 60 4.71 -16.77 2.40
O MSE A 60 4.71 -17.71 3.19
O MSE A 60 4.37 -17.72 3.17
O MSE A 60 4.82 -17.74 3.15
CB MSE A 60 6.39 -15.02 3.26
CB MSE A 60 6.39 -15.34 3.34
CB MSE A 60 6.32 -15.09 3.24
CG MSE A 60 7.26 -14.98 2.01
CG MSE A 60 7.30 -15.46 2.13
CG MSE A 60 6.64 -13.65 3.26
SE MSE A 60 9.08 -14.45 2.28
SE MSE A 60 7.60 -13.73 1.32
SE MSE A 60 8.55 -13.44 3.12
CE MSE A 60 8.82 -12.60 2.20
CE MSE A 60 9.13 -13.35 2.34
CE MSE A 60 8.70 -13.74 1.32
N ILE A 61 4.53 -16.84 1.10
CA ILE A 61 4.33 -18.10 0.39
C ILE A 61 5.30 -18.16 -0.78
N THR A 62 5.53 -19.38 -1.26
CA THR A 62 6.28 -19.57 -2.47
C THR A 62 5.39 -19.35 -3.64
N ARG A 63 6.02 -19.23 -4.81
CA ARG A 63 5.31 -19.03 -6.00
C ARG A 63 4.40 -20.21 -6.31
N ASP A 64 4.73 -21.42 -5.84
CA ASP A 64 3.87 -22.57 -6.00
C ASP A 64 2.87 -22.80 -4.86
N GLY A 65 2.78 -21.82 -3.97
CA GLY A 65 1.71 -21.80 -3.02
C GLY A 65 1.98 -22.40 -1.67
N ARG A 66 3.24 -22.74 -1.33
CA ARG A 66 3.55 -23.32 -0.05
C ARG A 66 3.84 -22.22 0.96
N GLU A 67 3.35 -22.38 2.17
CA GLU A 67 3.51 -21.35 3.18
C GLU A 67 4.89 -21.43 3.83
N LEU A 68 5.61 -20.33 3.84
CA LEU A 68 6.94 -20.21 4.45
C LEU A 68 6.82 -19.80 5.90
N TRP A 69 6.03 -18.77 6.18
CA TRP A 69 5.84 -18.30 7.54
C TRP A 69 4.59 -17.44 7.59
N ASN A 70 4.09 -17.25 8.81
CA ASN A 70 2.86 -16.52 9.08
C ASN A 70 2.99 -15.84 10.41
N ILE A 71 2.49 -14.61 10.50
CA ILE A 71 2.34 -13.89 11.76
C ILE A 71 0.89 -13.46 11.91
N ALA A 72 0.24 -13.89 12.99
CA ALA A 72 -1.12 -13.49 13.29
C ALA A 72 -1.17 -12.11 13.92
N ALA A 73 -2.16 -11.30 13.55
CA ALA A 73 -2.50 -10.10 14.32
C ALA A 73 -3.19 -10.52 15.61
N PRO A 74 -2.97 -9.80 16.71
CA PRO A 74 -3.75 -10.07 17.90
C PRO A 74 -5.23 -9.80 17.72
N ALA A 75 -6.08 -10.36 18.57
N ALA A 75 -6.00 -10.27 18.71
CA ALA A 75 -7.51 -10.18 18.42
CA ALA A 75 -7.34 -9.81 18.98
C ALA A 75 -7.90 -8.71 18.32
C ALA A 75 -7.38 -8.30 19.05
N GLY A 76 -8.74 -8.38 17.35
N GLY A 76 -8.38 -7.72 18.38
CA GLY A 76 -9.23 -7.03 17.15
CA GLY A 76 -8.57 -6.28 18.34
C GLY A 76 -8.25 -6.14 16.41
C GLY A 76 -7.54 -5.57 17.46
N CYS A 77 -7.01 -6.60 16.21
N CYS A 77 -7.03 -6.27 16.44
CA CYS A 77 -5.99 -5.83 15.46
CA CYS A 77 -6.06 -5.68 15.50
C CYS A 77 -6.19 -6.11 13.99
C CYS A 77 -6.11 -6.13 14.03
N GLU A 78 -5.60 -5.29 13.14
CA GLU A 78 -5.69 -5.49 11.69
C GLU A 78 -4.31 -5.34 11.08
N MSE A 79 -3.77 -6.44 10.57
CA MSE A 79 -2.52 -6.44 9.84
C MSE A 79 -2.80 -5.91 8.45
O MSE A 79 -3.44 -6.58 7.63
CB MSE A 79 -1.98 -7.87 9.75
CG MSE A 79 -0.58 -7.91 9.23
SE MSE A 79 0.82 -7.56 10.55
CE MSE A 79 0.92 -9.31 11.31
N GLN A 80 -2.29 -4.71 8.15
CA GLN A 80 -2.59 -4.02 6.92
C GLN A 80 -1.38 -3.64 6.10
N THR A 81 -0.16 -3.64 6.67
CA THR A 81 1.08 -3.39 5.97
C THR A 81 1.79 -4.69 5.73
N ALA A 82 2.37 -4.83 4.53
CA ALA A 82 3.26 -5.95 4.20
C ALA A 82 4.08 -5.54 2.97
N ARG A 83 5.36 -5.23 3.13
CA ARG A 83 6.23 -4.83 2.04
C ARG A 83 7.60 -5.47 2.22
N ILE A 84 8.37 -5.50 1.14
CA ILE A 84 9.78 -5.87 1.17
C ILE A 84 10.60 -4.59 1.11
N LEU A 85 11.45 -4.41 2.12
CA LEU A 85 12.31 -3.26 2.21
C LEU A 85 13.49 -3.39 1.22
N PRO A 86 14.12 -2.27 0.90
CA PRO A 86 15.34 -2.34 0.06
C PRO A 86 16.40 -3.30 0.55
N ASP A 87 16.51 -3.52 1.85
CA ASP A 87 17.47 -4.49 2.41
C ASP A 87 17.05 -5.97 2.27
N GLY A 88 15.86 -6.24 1.70
CA GLY A 88 15.36 -7.56 1.48
C GLY A 88 14.52 -8.15 2.62
N ASN A 89 14.52 -7.48 3.77
CA ASN A 89 13.67 -7.94 4.86
C ASN A 89 12.22 -7.49 4.65
N ALA A 90 11.30 -8.16 5.30
CA ALA A 90 9.88 -7.77 5.26
C ALA A 90 9.57 -6.78 6.35
N LEU A 91 8.63 -5.88 6.06
N LEU A 91 8.60 -5.91 6.08
CA LEU A 91 8.06 -4.95 7.02
CA LEU A 91 8.06 -5.02 7.08
C LEU A 91 6.57 -5.30 7.03
C LEU A 91 6.56 -5.19 7.06
N VAL A 92 6.04 -5.60 8.21
CA VAL A 92 4.59 -5.80 8.39
C VAL A 92 4.11 -4.95 9.54
N ALA A 93 2.82 -4.67 9.63
CA ALA A 93 2.31 -3.84 10.71
C ALA A 93 0.82 -4.05 10.91
N TRP A 94 0.38 -3.95 12.17
CA TRP A 94 -1.01 -4.02 12.51
C TRP A 94 -1.50 -2.78 13.23
N CYS A 95 -2.71 -2.38 12.83
CA CYS A 95 -3.52 -1.41 13.54
C CYS A 95 -4.00 -2.00 14.83
N GLY A 96 -4.01 -1.20 15.88
CA GLY A 96 -4.48 -1.69 17.19
C GLY A 96 -4.09 -0.73 18.28
N HIS A 97 -3.91 -1.30 19.48
CA HIS A 97 -3.62 -0.54 20.73
C HIS A 97 -2.65 -1.36 21.58
N PRO A 98 -1.35 -1.27 21.31
CA PRO A 98 -0.70 -0.34 20.39
C PRO A 98 -0.66 -0.83 18.95
N SER A 99 -0.57 0.12 18.05
CA SER A 99 -0.16 -0.17 16.69
C SER A 99 1.22 -0.78 16.73
N THR A 100 1.49 -1.78 15.90
CA THR A 100 2.78 -2.50 15.99
C THR A 100 3.36 -2.68 14.60
N ILE A 101 4.64 -2.36 14.45
CA ILE A 101 5.45 -2.59 13.25
C ILE A 101 6.48 -3.65 13.58
N LEU A 102 6.65 -4.62 12.70
CA LEU A 102 7.69 -5.66 12.79
C LEU A 102 8.49 -5.67 11.51
N GLU A 103 9.81 -5.79 11.65
CA GLU A 103 10.67 -6.18 10.52
C GLU A 103 10.98 -7.65 10.72
N VAL A 104 10.95 -8.42 9.65
CA VAL A 104 10.93 -9.87 9.73
C VAL A 104 11.85 -10.42 8.63
N ASN A 105 12.64 -11.43 8.95
CA ASN A 105 13.49 -12.03 7.92
C ASN A 105 12.73 -13.07 7.13
N MSE A 106 13.41 -13.73 6.17
N MSE A 106 13.42 -13.69 6.18
CA MSE A 106 12.74 -14.71 5.31
CA MSE A 106 12.76 -14.59 5.28
C MSE A 106 12.33 -15.98 6.00
C MSE A 106 12.39 -15.94 5.96
O MSE A 106 11.53 -16.77 5.49
O MSE A 106 11.60 -16.71 5.39
CB MSE A 106 13.61 -15.05 4.11
CB MSE A 106 13.59 -14.71 3.96
CG MSE A 106 13.84 -13.89 3.18
CG MSE A 106 13.86 -13.33 3.23
SE MSE A 106 12.22 -13.02 2.52
SE MSE A 106 12.24 -12.61 2.43
CE MSE A 106 12.03 -11.49 3.77
CE MSE A 106 11.64 -14.42 2.46
N LYS A 107 12.89 -16.19 7.18
CA LYS A 107 12.50 -17.32 8.06
C LYS A 107 11.31 -17.02 8.96
N GLY A 108 10.79 -15.80 8.91
CA GLY A 108 9.73 -15.37 9.80
C GLY A 108 10.13 -14.95 11.20
N GLU A 109 11.42 -14.71 11.42
CA GLU A 109 11.91 -14.26 12.72
C GLU A 109 11.83 -12.75 12.79
N VAL A 110 11.49 -12.23 13.96
CA VAL A 110 11.38 -10.81 14.19
C VAL A 110 12.74 -10.18 14.35
N LEU A 111 13.06 -9.21 13.51
CA LEU A 111 14.31 -8.44 13.52
C LEU A 111 14.20 -7.16 14.30
N SER A 112 13.00 -6.62 14.39
N SER A 112 13.02 -6.54 14.34
CA SER A 112 12.76 -5.48 15.25
CA SER A 112 12.78 -5.20 14.96
C SER A 112 11.28 -5.31 15.43
C SER A 112 11.30 -5.10 15.29
N LYS A 113 10.96 -4.50 16.43
CA LYS A 113 9.57 -4.23 16.81
C LYS A 113 9.44 -2.81 17.26
N THR A 114 8.40 -2.11 16.80
CA THR A 114 8.04 -0.78 17.22
C THR A 114 6.59 -0.74 17.58
N GLU A 115 6.25 -0.18 18.74
CA GLU A 115 4.88 0.03 19.18
C GLU A 115 4.60 1.52 19.31
N PHE A 116 3.41 1.96 18.91
CA PHE A 116 3.02 3.35 19.09
C PHE A 116 1.50 3.39 19.21
N GLU A 117 1.00 4.41 19.87
CA GLU A 117 -0.41 4.66 20.00
C GLU A 117 -0.80 5.90 19.19
N THR A 118 -1.81 5.70 18.34
CA THR A 118 -2.27 6.75 17.45
C THR A 118 -3.31 7.65 18.06
N GLY A 119 -3.99 7.16 19.06
CA GLY A 119 -5.15 7.89 19.62
C GLY A 119 -6.44 7.62 18.86
N ILE A 120 -6.40 6.82 17.81
CA ILE A 120 -7.58 6.54 16.96
C ILE A 120 -8.19 5.23 17.44
N GLU A 121 -9.42 5.28 17.93
N GLU A 121 -9.43 5.27 17.93
CA GLU A 121 -10.04 4.15 18.61
CA GLU A 121 -10.01 4.11 18.59
C GLU A 121 -10.21 2.90 17.72
C GLU A 121 -10.16 2.90 17.69
N ARG A 122 -10.81 3.03 16.55
CA ARG A 122 -11.03 1.87 15.69
C ARG A 122 -9.77 1.52 14.92
N PRO A 123 -9.26 0.29 15.08
CA PRO A 123 -8.04 -0.07 14.32
C PRO A 123 -8.21 0.14 12.82
N HIS A 124 -9.39 -0.12 12.27
CA HIS A 124 -9.61 0.03 10.87
C HIS A 124 -9.43 1.49 10.40
N ALA A 125 -9.60 2.46 11.29
CA ALA A 125 -9.47 3.87 10.98
C ALA A 125 -8.06 4.40 11.13
N GLN A 126 -7.10 3.51 11.39
CA GLN A 126 -5.69 3.88 11.53
C GLN A 126 -5.01 3.89 10.16
N PHE A 127 -4.18 2.89 9.84
CA PHE A 127 -3.37 2.92 8.64
C PHE A 127 -3.61 1.73 7.75
N ARG A 128 -3.08 1.84 6.52
CA ARG A 128 -2.98 0.71 5.61
C ARG A 128 -1.49 0.42 5.40
N GLN A 129 -0.77 1.15 4.54
CA GLN A 129 0.61 0.81 4.18
C GLN A 129 1.61 1.78 4.82
N ILE A 130 2.25 1.35 5.89
CA ILE A 130 3.37 2.02 6.49
C ILE A 130 4.61 1.79 5.61
N ASN A 131 5.53 2.74 5.61
CA ASN A 131 6.78 2.66 4.88
C ASN A 131 7.92 3.13 5.82
N LYS A 132 9.15 2.91 5.39
CA LYS A 132 10.37 3.21 6.14
C LYS A 132 11.20 4.20 5.32
N ASN A 133 11.63 5.29 5.94
CA ASN A 133 12.34 6.32 5.18
C ASN A 133 13.85 6.14 5.36
N LYS A 134 14.62 7.04 4.75
N LYS A 134 14.62 7.05 4.76
CA LYS A 134 16.05 6.87 4.66
CA LYS A 134 16.07 6.89 4.69
C LYS A 134 16.73 6.99 6.02
C LYS A 134 16.73 7.00 6.06
N LYS A 135 16.16 7.79 6.92
N LYS A 135 16.16 7.81 6.95
CA LYS A 135 16.67 7.89 8.28
CA LYS A 135 16.64 7.91 8.35
C LYS A 135 16.35 6.69 9.18
C LYS A 135 16.39 6.64 9.17
N GLY A 136 15.54 5.75 8.67
CA GLY A 136 15.16 4.55 9.40
C GLY A 136 13.94 4.69 10.28
N ASN A 137 13.20 5.79 10.10
CA ASN A 137 11.93 6.00 10.77
C ASN A 137 10.78 5.53 9.87
N TYR A 138 9.59 5.47 10.48
CA TYR A 138 8.43 4.94 9.79
C TYR A 138 7.45 6.03 9.42
N LEU A 139 6.94 5.97 8.20
CA LEU A 139 5.94 6.93 7.72
C LEU A 139 4.58 6.23 7.81
N VAL A 140 3.70 6.80 8.62
CA VAL A 140 2.43 6.19 8.97
C VAL A 140 1.29 7.10 8.51
N PRO A 141 0.65 6.78 7.37
CA PRO A 141 -0.50 7.56 6.95
C PRO A 141 -1.72 7.11 7.75
N LEU A 142 -2.56 8.04 8.19
CA LEU A 142 -3.73 7.71 9.02
C LEU A 142 -5.01 8.26 8.45
N PHE A 143 -6.00 7.37 8.38
CA PHE A 143 -7.32 7.69 7.84
C PHE A 143 -8.06 8.72 8.71
N ALA A 144 -8.28 8.41 9.99
CA ALA A 144 -9.26 9.15 10.78
C ALA A 144 -8.88 10.62 10.82
N THR A 145 -7.58 10.92 10.96
CA THR A 145 -7.02 12.25 11.22
C THR A 145 -6.39 12.85 9.95
N SER A 146 -6.50 12.18 8.80
CA SER A 146 -5.95 12.66 7.53
C SER A 146 -4.55 13.21 7.64
N GLU A 147 -3.63 12.41 8.15
N GLU A 147 -3.58 12.40 7.99
CA GLU A 147 -2.25 12.82 8.38
CA GLU A 147 -2.23 12.91 8.15
C GLU A 147 -1.29 11.77 7.88
C GLU A 147 -1.24 11.79 7.95
N VAL A 148 -0.03 12.18 7.85
N VAL A 148 0.01 12.18 7.74
CA VAL A 148 1.10 11.28 7.87
CA VAL A 148 1.11 11.23 7.78
C VAL A 148 1.96 11.60 9.07
C VAL A 148 2.03 11.58 8.95
N ARG A 149 2.22 10.61 9.90
N ARG A 149 2.29 10.61 9.81
CA ARG A 149 3.13 10.78 11.04
CA ARG A 149 3.16 10.80 10.98
C ARG A 149 4.45 10.08 10.76
C ARG A 149 4.46 10.04 10.81
N GLU A 150 5.53 10.65 11.32
N GLU A 150 5.57 10.68 11.17
CA GLU A 150 6.84 10.04 11.25
CA GLU A 150 6.87 10.03 11.21
C GLU A 150 7.15 9.52 12.65
C GLU A 150 7.14 9.52 12.64
N ILE A 151 7.33 8.21 12.77
CA ILE A 151 7.47 7.50 14.06
C ILE A 151 8.89 6.91 14.14
N ALA A 152 9.61 7.19 15.22
CA ALA A 152 10.92 6.60 15.43
C ALA A 152 10.80 5.10 15.78
N PRO A 153 11.93 4.38 15.68
CA PRO A 153 11.85 2.97 16.07
C PRO A 153 11.43 2.70 17.49
N ASN A 154 11.65 3.65 18.42
CA ASN A 154 11.16 3.44 19.79
C ASN A 154 9.73 3.84 19.97
N GLY A 155 9.08 4.30 18.92
CA GLY A 155 7.69 4.71 18.98
C GLY A 155 7.44 6.22 19.13
N GLN A 156 8.52 6.99 19.34
N GLN A 156 8.48 7.00 19.37
N GLN A 156 8.50 6.99 19.36
CA GLN A 156 8.42 8.46 19.50
CA GLN A 156 8.26 8.41 19.60
CA GLN A 156 8.39 8.45 19.51
C GLN A 156 7.84 9.13 18.25
C GLN A 156 7.85 9.13 18.30
C GLN A 156 7.83 9.12 18.25
N LEU A 157 6.95 10.10 18.46
CA LEU A 157 6.43 10.90 17.35
C LEU A 157 7.46 11.94 16.96
N LEU A 158 7.91 11.95 15.73
CA LEU A 158 8.91 12.89 15.29
C LEU A 158 8.33 14.05 14.51
N ASN A 159 7.26 13.85 13.74
CA ASN A 159 6.72 14.89 12.86
C ASN A 159 5.36 14.40 12.40
N SER A 160 4.57 15.34 11.89
N SER A 160 4.49 15.36 12.06
N SER A 160 4.51 15.37 12.05
CA SER A 160 3.27 14.98 11.34
CA SER A 160 3.20 15.06 11.43
CA SER A 160 3.19 15.12 11.46
C SER A 160 2.83 16.08 10.42
C SER A 160 2.95 16.11 10.34
C SER A 160 3.00 16.10 10.31
N VAL A 161 2.41 15.69 9.23
N VAL A 161 2.24 15.68 9.30
CA VAL A 161 1.84 16.63 8.30
CA VAL A 161 1.88 16.52 8.16
C VAL A 161 0.38 16.29 8.07
C VAL A 161 0.41 16.29 7.87
N LYS A 162 -0.42 17.33 7.97
CA LYS A 162 -1.83 17.21 7.71
C LYS A 162 -2.09 17.17 6.20
N LEU A 163 -2.87 16.18 5.76
CA LEU A 163 -3.23 15.99 4.37
C LEU A 163 -4.73 16.11 4.22
N SER A 164 -5.33 15.29 3.39
N SER A 164 -5.31 15.49 3.19
CA SER A 164 -6.77 15.29 3.20
CA SER A 164 -6.75 15.40 2.91
C SER A 164 -7.16 13.88 2.93
C SER A 164 -7.15 13.91 2.87
N GLY A 165 -8.46 13.64 2.96
CA GLY A 165 -8.96 12.33 2.67
C GLY A 165 -8.56 11.27 3.67
N THR A 166 -8.21 10.11 3.16
CA THR A 166 -7.89 8.93 3.93
C THR A 166 -6.56 8.36 3.43
N PRO A 167 -5.46 8.93 3.95
CA PRO A 167 -4.13 8.54 3.42
C PRO A 167 -3.87 7.04 3.57
N PHE A 168 -3.42 6.42 2.47
CA PHE A 168 -3.33 4.97 2.31
C PHE A 168 -1.93 4.40 2.27
N SER A 169 -0.96 5.13 1.73
CA SER A 169 0.37 4.61 1.49
C SER A 169 1.31 5.74 1.16
N SER A 170 2.60 5.45 1.14
CA SER A 170 3.61 6.37 0.63
C SER A 170 4.57 5.59 -0.25
N ALA A 171 5.20 6.28 -1.17
CA ALA A 171 6.23 5.67 -2.02
C ALA A 171 7.27 6.74 -2.37
N PHE A 172 8.52 6.33 -2.47
CA PHE A 172 9.61 7.27 -2.67
C PHE A 172 9.93 7.47 -4.14
N LEU A 173 10.33 8.70 -4.44
CA LEU A 173 10.83 9.10 -5.74
C LEU A 173 12.37 9.11 -5.73
N ASP A 174 12.93 9.09 -6.93
CA ASP A 174 14.39 9.11 -7.09
C ASP A 174 15.04 10.26 -6.36
N ASN A 175 14.39 11.43 -6.34
CA ASN A 175 14.96 12.60 -5.65
C ASN A 175 14.82 12.57 -4.15
N GLY A 176 14.23 11.51 -3.60
CA GLY A 176 14.07 11.36 -2.15
C GLY A 176 12.76 11.91 -1.59
N ASP A 177 11.98 12.59 -2.42
CA ASP A 177 10.64 13.03 -2.01
C ASP A 177 9.75 11.76 -1.93
N CYS A 178 8.57 11.91 -1.34
CA CYS A 178 7.63 10.81 -1.36
C CYS A 178 6.29 11.28 -1.90
N LEU A 179 5.59 10.30 -2.44
CA LEU A 179 4.21 10.49 -2.86
C LEU A 179 3.32 9.86 -1.81
N VAL A 180 2.26 10.52 -1.41
CA VAL A 180 1.28 9.95 -0.45
C VAL A 180 -0.08 9.86 -1.14
N ALA A 181 -0.59 8.64 -1.22
CA ALA A 181 -1.89 8.33 -1.75
C ALA A 181 -2.95 8.79 -0.74
N CYS A 182 -3.91 9.60 -1.17
CA CYS A 182 -4.87 10.17 -0.20
C CYS A 182 -6.27 9.55 -0.23
N GLY A 183 -6.38 8.32 -0.74
N GLY A 183 -6.40 8.35 -0.80
CA GLY A 183 -7.59 7.54 -0.56
CA GLY A 183 -7.62 7.59 -0.68
C GLY A 183 -8.81 8.23 -1.15
C GLY A 183 -8.85 8.32 -1.18
N ASP A 184 -9.79 8.50 -0.27
N ASP A 184 -9.84 8.42 -0.29
CA ASP A 184 -11.04 9.13 -0.68
CA ASP A 184 -11.12 9.05 -0.59
C ASP A 184 -10.90 10.60 -1.15
C ASP A 184 -11.02 10.47 -1.17
N ALA A 185 -9.75 11.24 -0.95
N ALA A 185 -9.89 11.16 -0.96
CA ALA A 185 -9.59 12.59 -1.49
CA ALA A 185 -9.73 12.53 -1.49
C ALA A 185 -9.40 12.58 -3.00
C ALA A 185 -9.51 12.56 -3.01
N HIS A 186 -9.33 11.40 -3.63
CA HIS A 186 -9.25 11.34 -5.11
C HIS A 186 -8.00 12.00 -5.62
N CYS A 187 -6.94 11.97 -4.85
CA CYS A 187 -5.71 12.63 -5.20
C CYS A 187 -4.52 11.98 -4.51
N PHE A 188 -3.34 12.39 -4.93
CA PHE A 188 -2.14 12.14 -4.17
C PHE A 188 -1.30 13.39 -4.06
N VAL A 189 -0.38 13.42 -3.13
CA VAL A 189 0.49 14.58 -2.94
C VAL A 189 1.95 14.14 -3.01
N GLN A 190 2.82 15.09 -3.35
CA GLN A 190 4.25 14.91 -3.24
C GLN A 190 4.72 15.74 -2.05
N LEU A 191 5.46 15.10 -1.15
CA LEU A 191 6.04 15.74 0.04
C LEU A 191 7.54 15.88 -0.10
N ASN A 192 8.03 17.09 0.18
CA ASN A 192 9.47 17.39 0.10
C ASN A 192 10.16 16.72 1.26
N LEU A 193 11.28 16.07 0.94
CA LEU A 193 12.14 15.39 1.93
C LEU A 193 12.53 16.34 3.09
N GLU A 194 13.24 17.42 2.75
CA GLU A 194 13.78 18.32 3.78
C GLU A 194 12.70 19.00 4.64
N SER A 195 11.73 19.64 3.98
CA SER A 195 10.77 20.54 4.66
C SER A 195 9.53 19.83 5.19
N ASN A 196 9.27 18.63 4.66
CA ASN A 196 8.05 17.88 5.00
C ASN A 196 6.77 18.66 4.62
N ARG A 197 6.88 19.46 3.56
CA ARG A 197 5.78 20.28 3.09
C ARG A 197 5.29 19.73 1.74
N ILE A 198 4.03 20.01 1.44
CA ILE A 198 3.41 19.57 0.19
C ILE A 198 3.95 20.40 -0.97
N VAL A 199 4.61 19.70 -1.89
N VAL A 199 4.60 19.77 -1.94
CA VAL A 199 5.23 20.25 -3.12
CA VAL A 199 5.12 20.51 -3.08
C VAL A 199 4.20 20.36 -4.23
C VAL A 199 4.30 20.28 -4.35
N ARG A 200 3.33 19.37 -4.31
CA ARG A 200 2.42 19.22 -5.41
C ARG A 200 1.24 18.35 -4.99
N ARG A 201 0.02 18.69 -5.45
N ARG A 201 0.05 18.70 -5.49
CA ARG A 201 -1.17 17.84 -5.32
CA ARG A 201 -1.14 17.91 -5.37
C ARG A 201 -1.71 17.52 -6.69
C ARG A 201 -1.46 17.48 -6.80
N VAL A 202 -1.84 16.22 -6.95
CA VAL A 202 -2.24 15.68 -8.20
C VAL A 202 -3.60 15.06 -8.10
N ASN A 203 -4.52 15.57 -8.88
CA ASN A 203 -5.83 14.97 -8.97
C ASN A 203 -6.20 14.64 -10.39
N ALA A 204 -7.43 14.24 -10.62
CA ALA A 204 -7.82 13.84 -11.97
C ALA A 204 -7.70 14.95 -13.03
N ASN A 205 -7.74 16.20 -12.62
CA ASN A 205 -7.58 17.29 -13.59
C ASN A 205 -6.14 17.39 -14.08
N ASP A 206 -5.18 16.78 -13.36
CA ASP A 206 -3.76 16.82 -13.77
C ASP A 206 -3.37 15.63 -14.62
N ILE A 207 -4.31 14.68 -14.75
CA ILE A 207 -4.08 13.39 -15.45
C ILE A 207 -5.03 13.32 -16.62
N GLU A 208 -4.60 12.69 -17.69
N GLU A 208 -4.60 12.70 -17.71
CA GLU A 208 -5.44 12.49 -18.83
CA GLU A 208 -5.47 12.48 -18.85
C GLU A 208 -5.78 11.01 -18.94
C GLU A 208 -5.78 11.01 -18.94
N GLY A 209 -7.03 10.67 -18.65
CA GLY A 209 -7.57 9.36 -18.96
C GLY A 209 -8.18 8.54 -17.86
N VAL A 210 -8.36 9.13 -16.66
CA VAL A 210 -8.95 8.35 -15.57
C VAL A 210 -9.63 9.28 -14.54
N GLN A 211 -10.83 8.92 -14.14
CA GLN A 211 -11.47 9.50 -12.95
C GLN A 211 -10.89 8.71 -11.76
N LEU A 212 -10.32 9.41 -10.80
CA LEU A 212 -9.77 8.81 -9.58
C LEU A 212 -10.85 8.65 -8.55
N PHE A 213 -10.97 7.40 -8.07
CA PHE A 213 -11.91 7.04 -7.00
C PHE A 213 -11.11 7.04 -5.67
N PHE A 214 -10.87 5.88 -5.05
CA PHE A 214 -10.01 5.86 -3.86
C PHE A 214 -8.61 5.63 -4.35
N VAL A 215 -7.74 6.59 -4.14
CA VAL A 215 -6.33 6.52 -4.60
C VAL A 215 -5.60 5.65 -3.57
N ALA A 216 -5.35 4.40 -3.96
CA ALA A 216 -4.72 3.36 -3.13
C ALA A 216 -3.21 3.34 -3.51
N GLN A 217 -2.57 2.18 -3.61
CA GLN A 217 -1.13 2.18 -3.73
C GLN A 217 -0.67 2.87 -5.01
N LEU A 218 0.42 3.61 -4.85
CA LEU A 218 1.17 4.25 -5.93
C LEU A 218 2.51 3.53 -6.05
N PHE A 219 2.93 3.19 -7.28
CA PHE A 219 4.15 2.47 -7.49
C PHE A 219 4.96 3.20 -8.55
N PRO A 220 5.94 3.99 -8.09
CA PRO A 220 6.82 4.71 -9.07
C PRO A 220 7.67 3.76 -9.91
N LEU A 221 7.81 4.14 -11.17
CA LEU A 221 8.52 3.37 -12.19
C LEU A 221 9.78 4.12 -12.61
N GLN A 222 10.77 3.32 -13.00
CA GLN A 222 12.13 3.82 -13.36
C GLN A 222 12.02 4.80 -14.50
N ASN A 223 11.03 4.59 -15.37
CA ASN A 223 10.81 5.50 -16.50
C ASN A 223 10.11 6.84 -16.17
N GLY A 224 9.85 7.14 -14.89
CA GLY A 224 9.27 8.44 -14.48
C GLY A 224 7.72 8.30 -14.34
N GLY A 225 7.27 7.15 -14.73
CA GLY A 225 5.87 6.84 -14.68
C GLY A 225 5.43 6.35 -13.31
N LEU A 226 4.19 5.92 -13.27
CA LEU A 226 3.58 5.56 -11.98
C LEU A 226 2.39 4.62 -12.20
N TYR A 227 2.32 3.52 -11.45
CA TYR A 227 1.07 2.79 -11.31
C TYR A 227 0.22 3.40 -10.23
N ILE A 228 -1.07 3.50 -10.49
CA ILE A 228 -2.06 3.98 -9.52
C ILE A 228 -3.14 2.92 -9.43
N CYS A 229 -3.35 2.41 -8.23
CA CYS A 229 -4.43 1.49 -7.90
C CYS A 229 -5.70 2.34 -7.62
N ASN A 230 -6.68 2.22 -8.50
CA ASN A 230 -7.85 3.09 -8.53
C ASN A 230 -9.06 2.37 -7.98
N TRP A 231 -9.12 2.27 -6.64
CA TRP A 231 -10.03 1.35 -5.97
C TRP A 231 -11.43 1.96 -5.90
N GLN A 232 -12.40 1.17 -6.29
CA GLN A 232 -13.75 1.65 -6.55
C GLN A 232 -14.79 1.25 -5.50
N GLY A 233 -14.37 0.78 -4.35
CA GLY A 233 -15.31 0.23 -3.37
C GLY A 233 -16.09 1.23 -2.57
N HIS A 234 -15.82 2.53 -2.69
CA HIS A 234 -16.59 3.54 -1.99
C HIS A 234 -17.49 4.31 -2.92
N ASP A 235 -17.59 3.95 -4.19
CA ASP A 235 -18.49 4.70 -5.04
C ASP A 235 -19.39 3.76 -5.83
N ARG A 236 -20.68 3.79 -5.47
CA ARG A 236 -21.76 3.03 -6.14
C ARG A 236 -21.94 3.42 -7.60
N GLU A 237 -21.44 4.61 -7.99
CA GLU A 237 -21.47 5.00 -9.40
C GLU A 237 -20.38 4.39 -10.26
N ALA A 238 -19.28 3.93 -9.63
CA ALA A 238 -18.17 3.39 -10.40
C ALA A 238 -18.56 2.14 -11.21
N GLY A 239 -19.39 1.31 -10.61
CA GLY A 239 -19.85 0.09 -11.28
C GLY A 239 -20.73 0.31 -12.50
N LYS A 240 -21.30 1.50 -12.63
CA LYS A 240 -22.15 1.84 -13.76
C LYS A 240 -21.34 2.22 -14.99
N GLY A 241 -20.03 2.46 -14.79
CA GLY A 241 -19.12 2.86 -15.86
C GLY A 241 -17.99 1.86 -16.05
N LYS A 242 -17.08 2.22 -16.96
CA LYS A 242 -15.85 1.44 -17.25
C LYS A 242 -14.64 2.29 -16.86
N HIS A 243 -14.44 2.32 -15.54
CA HIS A 243 -13.34 3.02 -14.92
C HIS A 243 -12.25 2.03 -14.56
N PRO A 244 -11.03 2.28 -15.00
CA PRO A 244 -9.99 1.27 -14.80
C PRO A 244 -9.67 1.00 -13.34
N GLN A 245 -9.45 -0.27 -13.05
CA GLN A 245 -8.99 -0.70 -11.75
C GLN A 245 -7.56 -0.27 -11.46
N LEU A 246 -6.76 -0.14 -12.50
CA LEU A 246 -5.33 0.05 -12.38
C LEU A 246 -4.90 0.83 -13.64
N VAL A 247 -4.14 1.91 -13.45
CA VAL A 247 -3.54 2.65 -14.57
C VAL A 247 -2.06 2.77 -14.39
N GLU A 248 -1.37 2.90 -15.52
CA GLU A 248 -0.01 3.39 -15.59
C GLU A 248 -0.09 4.76 -16.23
N ILE A 249 0.46 5.77 -15.55
CA ILE A 249 0.60 7.10 -16.12
C ILE A 249 2.08 7.30 -16.42
N ASP A 250 2.35 8.07 -17.47
CA ASP A 250 3.71 8.46 -17.81
C ASP A 250 4.04 9.75 -17.06
N SER A 251 5.24 10.26 -17.34
CA SER A 251 5.72 11.46 -16.62
C SER A 251 4.92 12.74 -16.95
N GLU A 252 4.18 12.75 -18.06
CA GLU A 252 3.32 13.85 -18.43
C GLU A 252 1.90 13.70 -17.89
N GLY A 253 1.64 12.60 -17.18
CA GLY A 253 0.31 12.39 -16.63
C GLY A 253 -0.70 11.73 -17.54
N LYS A 254 -0.26 11.15 -18.65
N LYS A 254 -0.23 11.13 -18.64
CA LYS A 254 -1.21 10.49 -19.54
CA LYS A 254 -1.12 10.45 -19.59
C LYS A 254 -1.28 9.00 -19.19
C LYS A 254 -1.26 8.99 -19.17
N VAL A 255 -2.49 8.46 -19.19
CA VAL A 255 -2.70 7.04 -19.02
C VAL A 255 -2.22 6.32 -20.27
N VAL A 256 -1.17 5.49 -20.13
CA VAL A 256 -0.55 4.77 -21.22
C VAL A 256 -0.90 3.30 -21.27
N TRP A 257 -1.45 2.77 -20.17
CA TRP A 257 -1.82 1.36 -20.06
C TRP A 257 -2.81 1.23 -18.89
N GLN A 258 -3.76 0.31 -18.98
CA GLN A 258 -4.70 0.13 -17.91
C GLN A 258 -5.31 -1.24 -17.90
N LEU A 259 -5.81 -1.63 -16.72
CA LEU A 259 -6.75 -2.74 -16.55
C LEU A 259 -8.12 -2.14 -16.33
N ASN A 260 -9.11 -2.56 -17.11
CA ASN A 260 -10.42 -1.95 -17.10
C ASN A 260 -11.45 -3.04 -17.44
N ASP A 261 -11.79 -3.83 -16.45
CA ASP A 261 -12.75 -4.93 -16.61
C ASP A 261 -13.12 -5.39 -15.19
N LYS A 262 -14.27 -4.90 -14.74
CA LYS A 262 -14.70 -5.13 -13.38
C LYS A 262 -15.24 -6.53 -13.16
N VAL A 263 -15.40 -7.32 -14.22
CA VAL A 263 -15.75 -8.75 -14.11
C VAL A 263 -14.48 -9.61 -14.04
N LYS A 264 -13.53 -9.30 -14.91
CA LYS A 264 -12.31 -10.04 -15.00
C LYS A 264 -11.40 -9.78 -13.81
N PHE A 265 -11.33 -8.52 -13.36
CA PHE A 265 -10.43 -8.13 -12.28
C PHE A 265 -11.28 -7.71 -11.07
N GLY A 266 -10.91 -8.20 -9.90
CA GLY A 266 -11.47 -7.64 -8.68
C GLY A 266 -10.93 -6.25 -8.41
N MSE A 267 -11.36 -5.68 -7.31
CA MSE A 267 -10.94 -4.37 -6.89
C MSE A 267 -9.51 -4.43 -6.37
O MSE A 267 -9.15 -5.29 -5.56
CB MSE A 267 -11.86 -3.83 -5.84
CG MSE A 267 -13.31 -3.72 -6.32
SE MSE A 267 -14.43 -2.66 -5.19
CE MSE A 267 -14.50 -3.90 -3.81
N ILE A 268 -8.63 -3.61 -6.93
CA ILE A 268 -7.21 -3.60 -6.64
C ILE A 268 -6.86 -2.39 -5.80
N SER A 269 -6.19 -2.62 -4.65
CA SER A 269 -5.66 -1.55 -3.83
C SER A 269 -4.14 -1.64 -3.65
N THR A 270 -3.52 -2.73 -4.13
CA THR A 270 -2.09 -2.95 -3.93
C THR A 270 -1.50 -3.68 -5.14
N ILE A 271 -0.24 -3.37 -5.41
CA ILE A 271 0.48 -3.91 -6.57
C ILE A 271 1.95 -4.02 -6.28
N CYS A 272 2.60 -5.02 -6.88
CA CYS A 272 4.06 -5.12 -6.88
C CYS A 272 4.50 -5.81 -8.18
N PRO A 273 5.49 -5.28 -8.90
CA PRO A 273 6.08 -6.12 -9.96
C PRO A 273 6.64 -7.43 -9.42
N ILE A 274 6.53 -8.51 -10.19
CA ILE A 274 7.06 -9.82 -9.77
C ILE A 274 7.70 -10.50 -10.95
N ARG A 275 8.75 -11.27 -10.69
CA ARG A 275 9.49 -11.98 -11.78
C ARG A 275 8.67 -12.95 -12.63
N GLU A 276 7.67 -13.60 -12.05
N GLU A 276 7.66 -13.56 -12.04
CA GLU A 276 6.85 -14.54 -12.82
CA GLU A 276 6.84 -14.51 -12.78
C GLU A 276 5.72 -15.06 -11.97
C GLU A 276 5.64 -14.88 -11.92
CL CL B . -4.54 -0.13 -22.42
C1 CIT C . -13.30 -1.43 3.51
O1 CIT C . -13.29 -1.42 4.77
O2 CIT C . -14.31 -1.95 2.94
C2 CIT C . -12.20 -0.79 2.69
C3 CIT C . -11.21 0.12 3.42
O7 CIT C . -10.26 -0.69 4.22
C4 CIT C . -10.38 0.96 2.46
C5 CIT C . -9.14 0.17 2.04
O3 CIT C . -8.01 0.43 2.47
O4 CIT C . -9.25 -0.82 1.27
C6 CIT C . -11.98 1.11 4.30
O5 CIT C . -11.61 1.41 5.47
O6 CIT C . -13.06 1.67 3.83
C1 PEG D . 14.94 3.92 2.13
O1 PEG D . 16.23 3.31 2.29
C2 PEG D . 15.17 5.21 1.38
O2 PEG D . 13.98 5.92 1.05
C3 PEG D . 14.24 6.98 0.12
C4 PEG D . 14.44 6.46 -1.31
O4 PEG D . 14.89 7.50 -2.20
C1 PEG E . 3.51 11.72 -11.85
C1 PEG E . 1.25 14.85 -14.12
O1 PEG E . 4.44 10.62 -12.00
O1 PEG E . 2.21 15.86 -14.46
C2 PEG E . 2.89 12.10 -13.19
C2 PEG E . 1.47 14.40 -12.69
O2 PEG E . 1.71 12.88 -12.99
O2 PEG E . 1.58 12.99 -12.60
C3 PEG E . 2.02 14.27 -12.93
C3 PEG E . 2.95 12.62 -12.48
C4 PEG E . 1.56 14.97 -14.20
C4 PEG E . 3.16 11.73 -11.26
O4 PEG E . 2.60 15.84 -14.68
O4 PEG E . 3.80 12.46 -10.19
#